data_7AEN
#
_entry.id   7AEN
#
_cell.length_a   54.452
_cell.length_b   61.124
_cell.length_c   84.712
_cell.angle_alpha   90.00
_cell.angle_beta   90.00
_cell.angle_gamma   90.00
#
_symmetry.space_group_name_H-M   'P 21 21 21'
#
loop_
_entity.id
_entity.type
_entity.pdbx_description
1 polymer 'Isoform 2 of Galectin-8'
2 non-polymer 'methyl 3-O-((7-carboxy) quinolin-2-yl)-methyl)-beta-D-galactopyranoside'
3 non-polymer GLYCEROL
4 non-polymer 'CHLORIDE ION'
5 water water
#
_entity_poly.entity_id   1
_entity_poly.type   'polypeptide(L)'
_entity_poly.pdbx_seq_one_letter_code
;NLQNIIYNPVIPFVGTIPDQLDPGTLIVIRGHVPSDADRFQVDLQNGSSMKPRADVAFHFNPRFKRAGCIVCNTLINEKW
GREEITYDTPFKREKSFEIVIMVLKDKFQVAVNGKHTLLYGHRIGPEKIDTLGIYGKVNIHSIGFSFSSD
;
_entity_poly.pdbx_strand_id   A,B
#
# COMPACT_ATOMS: atom_id res chain seq x y z
N ASN A 1 14.04 -0.06 3.42
CA ASN A 1 13.32 0.18 4.71
C ASN A 1 13.17 -1.12 5.51
N LEU A 2 13.65 -2.28 5.03
CA LEU A 2 13.27 -3.60 5.63
C LEU A 2 14.18 -3.94 6.80
N GLN A 3 13.59 -4.14 7.96
CA GLN A 3 14.20 -4.63 9.24
C GLN A 3 13.70 -6.05 9.58
N ASN A 4 14.45 -7.04 9.35
CA ASN A 4 14.15 -8.45 9.77
C ASN A 4 14.37 -8.51 11.28
N ILE A 5 13.35 -8.97 11.89
CA ILE A 5 13.35 -9.36 13.33
C ILE A 5 13.97 -10.76 13.53
N ILE A 6 14.11 -11.62 12.49
CA ILE A 6 14.75 -12.94 12.68
C ILE A 6 15.08 -13.62 11.34
N TYR A 7 16.13 -14.43 11.35
CA TYR A 7 16.46 -15.36 10.25
C TYR A 7 16.37 -16.80 10.76
N ASN A 8 15.91 -17.69 9.88
CA ASN A 8 15.89 -19.17 10.09
C ASN A 8 15.30 -19.50 11.45
N PRO A 9 14.12 -18.95 11.79
CA PRO A 9 13.52 -19.31 13.08
C PRO A 9 13.04 -20.76 13.09
N VAL A 10 13.24 -21.41 14.21
CA VAL A 10 12.55 -22.67 14.59
C VAL A 10 11.04 -22.43 14.54
N ILE A 11 10.32 -23.35 13.92
CA ILE A 11 8.84 -23.31 13.83
C ILE A 11 8.32 -24.32 14.84
N PRO A 12 7.36 -23.98 15.71
CA PRO A 12 6.65 -22.69 15.66
C PRO A 12 7.46 -21.48 16.14
N PHE A 13 7.23 -20.35 15.47
CA PHE A 13 7.90 -19.08 15.83
C PHE A 13 6.84 -18.12 16.33
N VAL A 14 7.09 -17.48 17.45
CA VAL A 14 6.20 -16.37 17.92
C VAL A 14 7.11 -15.22 18.30
N GLY A 15 6.84 -14.04 17.76
CA GLY A 15 7.71 -12.87 17.96
C GLY A 15 6.92 -11.61 18.17
N THR A 16 7.44 -10.72 19.01
CA THR A 16 6.86 -9.38 19.16
C THR A 16 7.19 -8.58 17.91
N ILE A 17 6.18 -7.88 17.40
CA ILE A 17 6.37 -6.93 16.27
C ILE A 17 6.86 -5.63 16.89
N PRO A 18 8.03 -5.12 16.47
CA PRO A 18 8.69 -4.05 17.23
C PRO A 18 8.12 -2.63 17.04
N ASP A 19 7.16 -2.44 16.16
CA ASP A 19 6.43 -1.15 16.03
C ASP A 19 5.01 -1.43 15.54
N GLN A 20 4.21 -0.38 15.52
CA GLN A 20 2.80 -0.47 15.12
C GLN A 20 2.68 -0.75 13.61
N LEU A 21 1.72 -1.60 13.26
CA LEU A 21 1.36 -1.84 11.84
C LEU A 21 0.49 -0.70 11.33
N ASP A 22 1.13 0.43 11.10
CA ASP A 22 0.48 1.62 10.53
C ASP A 22 0.21 1.38 9.03
N PRO A 23 -0.82 2.02 8.43
CA PRO A 23 -0.99 1.94 6.99
C PRO A 23 0.31 2.24 6.26
N GLY A 24 0.64 1.39 5.29
CA GLY A 24 1.86 1.46 4.49
C GLY A 24 2.94 0.51 5.00
N THR A 25 2.73 -0.11 6.16
CA THR A 25 3.70 -1.09 6.71
C THR A 25 3.71 -2.35 5.84
N LEU A 26 4.88 -2.86 5.56
CA LEU A 26 5.10 -4.16 4.89
C LEU A 26 5.62 -5.17 5.90
N ILE A 27 5.10 -6.38 5.74
CA ILE A 27 5.61 -7.60 6.43
C ILE A 27 6.10 -8.53 5.34
N VAL A 28 7.36 -8.90 5.40
CA VAL A 28 8.02 -9.70 4.34
C VAL A 28 8.52 -11.01 4.95
N ILE A 29 8.02 -12.10 4.40
CA ILE A 29 8.33 -13.47 4.93
C ILE A 29 8.83 -14.31 3.78
N ARG A 30 10.07 -14.74 3.90
CA ARG A 30 10.75 -15.59 2.89
CA ARG A 30 10.73 -15.60 2.89
C ARG A 30 10.89 -17.01 3.48
N GLY A 31 10.53 -18.02 2.70
CA GLY A 31 10.59 -19.38 3.21
C GLY A 31 10.36 -20.41 2.15
N HIS A 32 10.14 -21.65 2.58
CA HIS A 32 10.09 -22.85 1.71
C HIS A 32 9.10 -23.85 2.29
N VAL A 33 8.24 -24.43 1.44
CA VAL A 33 7.21 -25.42 1.87
C VAL A 33 7.84 -26.79 1.73
N PRO A 34 7.92 -27.59 2.81
CA PRO A 34 8.43 -28.95 2.71
C PRO A 34 7.56 -29.85 1.82
N SER A 35 8.10 -30.99 1.41
CA SER A 35 7.49 -31.88 0.38
C SER A 35 6.24 -32.54 0.96
N ASP A 36 6.19 -32.69 2.28
CA ASP A 36 5.11 -33.40 3.02
C ASP A 36 4.16 -32.42 3.69
N ALA A 37 4.21 -31.11 3.44
CA ALA A 37 3.35 -30.15 4.18
C ALA A 37 1.87 -30.40 3.83
N ASP A 38 0.97 -30.35 4.83
CA ASP A 38 -0.49 -30.23 4.57
C ASP A 38 -0.92 -28.78 4.69
N ARG A 39 -0.35 -28.03 5.61
CA ARG A 39 -0.75 -26.63 5.82
C ARG A 39 0.34 -25.91 6.63
N PHE A 40 0.30 -24.59 6.56
CA PHE A 40 1.02 -23.72 7.52
C PHE A 40 0.20 -22.44 7.66
N GLN A 41 0.54 -21.61 8.63
CA GLN A 41 -0.19 -20.34 8.82
C GLN A 41 0.77 -19.28 9.31
N VAL A 42 0.51 -18.09 8.85
CA VAL A 42 1.04 -16.81 9.45
C VAL A 42 -0.12 -16.14 10.17
N ASP A 43 0.00 -15.95 11.47
CA ASP A 43 -1.02 -15.33 12.34
C ASP A 43 -0.51 -13.97 12.87
N LEU A 44 -1.27 -12.91 12.61
CA LEU A 44 -1.04 -11.60 13.24
C LEU A 44 -1.96 -11.53 14.44
N GLN A 45 -1.36 -11.50 15.64
CA GLN A 45 -2.06 -11.76 16.91
C GLN A 45 -2.09 -10.51 17.79
N ASN A 46 -3.12 -10.43 18.64
CA ASN A 46 -3.15 -9.55 19.82
C ASN A 46 -2.60 -10.36 20.98
N GLY A 47 -1.27 -10.28 21.21
CA GLY A 47 -0.58 -11.02 22.27
C GLY A 47 -0.15 -12.42 21.87
N SER A 48 0.44 -13.14 22.81
CA SER A 48 1.09 -14.46 22.59
C SER A 48 0.50 -15.52 23.52
N SER A 49 -0.62 -15.20 24.14
CA SER A 49 -1.34 -16.13 25.03
C SER A 49 -1.59 -17.43 24.29
N MET A 50 -1.28 -18.56 24.94
CA MET A 50 -1.61 -19.93 24.45
C MET A 50 -2.91 -20.43 25.12
N LYS A 51 -3.06 -20.06 26.39
CA LYS A 51 -4.20 -20.38 27.27
C LYS A 51 -4.59 -19.08 27.95
N PRO A 52 -5.69 -18.43 27.54
CA PRO A 52 -6.48 -18.85 26.37
C PRO A 52 -5.79 -18.34 25.10
N ARG A 53 -6.22 -18.84 23.95
CA ARG A 53 -5.54 -18.55 22.67
C ARG A 53 -5.73 -17.08 22.28
N ALA A 54 -4.61 -16.38 22.06
CA ALA A 54 -4.58 -14.96 21.65
C ALA A 54 -5.52 -14.77 20.45
N ASP A 55 -6.23 -13.64 20.44
CA ASP A 55 -6.98 -13.25 19.21
C ASP A 55 -6.03 -13.20 18.02
N VAL A 56 -6.52 -13.61 16.85
CA VAL A 56 -5.77 -13.58 15.59
C VAL A 56 -6.51 -12.64 14.66
N ALA A 57 -5.98 -11.44 14.49
CA ALA A 57 -6.56 -10.42 13.59
C ALA A 57 -6.57 -10.94 12.17
N PHE A 58 -5.50 -11.63 11.80
CA PHE A 58 -5.23 -12.10 10.42
C PHE A 58 -4.52 -13.46 10.48
N HIS A 59 -5.30 -14.51 10.13
CA HIS A 59 -4.86 -15.92 9.95
C HIS A 59 -4.76 -16.10 8.44
N PHE A 60 -3.53 -16.29 7.97
CA PHE A 60 -3.20 -16.54 6.55
C PHE A 60 -2.72 -17.99 6.47
N ASN A 61 -3.54 -18.87 5.87
CA ASN A 61 -3.39 -20.33 6.05
C ASN A 61 -3.39 -21.04 4.70
N PRO A 62 -2.23 -21.13 4.00
CA PRO A 62 -2.13 -21.99 2.83
C PRO A 62 -2.38 -23.46 3.21
N ARG A 63 -3.17 -24.12 2.37
CA ARG A 63 -3.50 -25.57 2.48
C ARG A 63 -3.17 -26.25 1.15
N PHE A 64 -2.57 -27.43 1.25
CA PHE A 64 -1.90 -28.13 0.11
C PHE A 64 -2.72 -29.32 -0.38
N LYS A 65 -3.74 -29.77 0.33
CA LYS A 65 -4.55 -30.95 -0.14
C LYS A 65 -5.29 -30.62 -1.43
N ARG A 66 -5.49 -31.61 -2.32
CA ARG A 66 -6.22 -31.44 -3.60
C ARG A 66 -5.51 -30.36 -4.43
N ALA A 67 -6.22 -29.38 -4.98
CA ALA A 67 -5.65 -28.34 -5.87
C ALA A 67 -5.11 -27.20 -5.01
N GLY A 68 -5.22 -27.34 -3.69
CA GLY A 68 -4.69 -26.35 -2.72
C GLY A 68 -5.52 -25.08 -2.65
N CYS A 69 -5.40 -24.35 -1.57
CA CYS A 69 -6.11 -23.07 -1.45
C CYS A 69 -5.37 -22.23 -0.39
N ILE A 70 -5.87 -21.04 -0.16
CA ILE A 70 -5.50 -20.27 1.06
C ILE A 70 -6.79 -19.91 1.80
N VAL A 71 -6.82 -20.24 3.08
CA VAL A 71 -7.89 -19.81 3.99
C VAL A 71 -7.39 -18.61 4.80
N CYS A 72 -8.19 -17.54 4.82
CA CYS A 72 -7.96 -16.40 5.73
C CYS A 72 -9.17 -16.25 6.65
N ASN A 73 -8.87 -15.91 7.90
CA ASN A 73 -9.92 -15.78 8.93
C ASN A 73 -9.38 -14.92 10.09
N THR A 74 -10.25 -14.68 11.04
CA THR A 74 -10.00 -13.93 12.29
C THR A 74 -10.51 -14.79 13.46
N LEU A 75 -9.68 -14.90 14.48
CA LEU A 75 -10.05 -15.56 15.76
C LEU A 75 -10.29 -14.48 16.82
N ILE A 76 -11.52 -14.39 17.32
CA ILE A 76 -11.89 -13.45 18.42
C ILE A 76 -12.47 -14.28 19.56
N ASN A 77 -11.90 -14.17 20.76
CA ASN A 77 -12.38 -14.91 21.94
C ASN A 77 -12.53 -16.40 21.61
N GLU A 78 -11.50 -16.94 20.97
CA GLU A 78 -11.28 -18.37 20.68
C GLU A 78 -12.33 -18.90 19.69
N LYS A 79 -13.03 -18.04 18.93
CA LYS A 79 -13.99 -18.48 17.88
C LYS A 79 -13.57 -17.93 16.50
N TRP A 80 -13.50 -18.79 15.47
CA TRP A 80 -13.21 -18.39 14.08
C TRP A 80 -14.44 -17.71 13.46
N GLY A 81 -14.25 -16.64 12.71
CA GLY A 81 -15.29 -15.97 11.90
C GLY A 81 -15.54 -16.70 10.59
N ARG A 82 -16.11 -15.97 9.63
CA ARG A 82 -16.40 -16.44 8.26
C ARG A 82 -15.08 -16.61 7.53
N GLU A 83 -14.84 -17.83 7.06
CA GLU A 83 -13.65 -18.17 6.23
C GLU A 83 -13.71 -17.41 4.91
N GLU A 84 -12.57 -16.81 4.54
CA GLU A 84 -12.36 -16.18 3.24
C GLU A 84 -11.42 -17.10 2.46
N ILE A 85 -11.92 -17.78 1.45
CA ILE A 85 -11.09 -18.79 0.76
C ILE A 85 -10.70 -18.29 -0.64
N THR A 86 -9.42 -18.40 -0.93
CA THR A 86 -8.81 -18.04 -2.22
C THR A 86 -8.40 -19.39 -2.85
N TYR A 87 -8.94 -19.75 -4.01
CA TYR A 87 -8.67 -21.08 -4.61
C TYR A 87 -7.42 -20.97 -5.50
N ASP A 88 -7.14 -19.75 -5.99
CA ASP A 88 -5.96 -19.48 -6.83
CA ASP A 88 -5.97 -19.47 -6.85
C ASP A 88 -4.75 -19.28 -5.93
N THR A 89 -4.04 -20.36 -5.60
CA THR A 89 -2.92 -20.31 -4.64
C THR A 89 -1.63 -20.45 -5.41
N PRO A 90 -0.63 -19.60 -5.09
CA PRO A 90 0.72 -19.72 -5.65
C PRO A 90 1.62 -20.71 -4.90
N PHE A 91 1.18 -21.25 -3.76
CA PHE A 91 2.06 -22.13 -2.94
C PHE A 91 2.03 -23.57 -3.47
N LYS A 92 3.15 -24.24 -3.33
CA LYS A 92 3.35 -25.66 -3.70
C LYS A 92 4.33 -26.32 -2.73
N ARG A 93 4.10 -27.59 -2.45
CA ARG A 93 5.05 -28.43 -1.71
C ARG A 93 6.40 -28.32 -2.43
N GLU A 94 7.46 -28.22 -1.64
CA GLU A 94 8.86 -28.18 -2.08
C GLU A 94 9.12 -26.96 -2.97
N LYS A 95 8.46 -25.86 -2.72
CA LYS A 95 8.80 -24.59 -3.43
C LYS A 95 8.96 -23.45 -2.43
N SER A 96 9.87 -22.56 -2.78
CA SER A 96 10.18 -21.35 -2.00
C SER A 96 9.19 -20.26 -2.35
N PHE A 97 9.07 -19.29 -1.46
CA PHE A 97 8.11 -18.18 -1.59
C PHE A 97 8.69 -16.96 -0.90
N GLU A 98 8.21 -15.83 -1.39
CA GLU A 98 8.25 -14.55 -0.66
C GLU A 98 6.82 -14.04 -0.48
N ILE A 99 6.39 -13.92 0.75
CA ILE A 99 5.10 -13.28 1.10
C ILE A 99 5.36 -11.82 1.44
N VAL A 100 4.58 -10.93 0.83
CA VAL A 100 4.54 -9.52 1.24
C VAL A 100 3.12 -9.19 1.66
N ILE A 101 2.97 -8.88 2.93
CA ILE A 101 1.68 -8.40 3.47
C ILE A 101 1.80 -6.88 3.56
N MET A 102 0.93 -6.19 2.85
CA MET A 102 0.86 -4.72 2.89
C MET A 102 -0.32 -4.36 3.78
N VAL A 103 -0.06 -3.62 4.84
CA VAL A 103 -1.10 -3.20 5.77
C VAL A 103 -1.65 -1.87 5.24
N LEU A 104 -2.90 -1.89 4.84
CA LEU A 104 -3.60 -0.67 4.38
C LEU A 104 -4.59 -0.26 5.47
N LYS A 105 -5.19 0.91 5.27
CA LYS A 105 -6.11 1.51 6.23
C LYS A 105 -7.19 0.50 6.59
N ASP A 106 -7.79 -0.14 5.59
CA ASP A 106 -9.05 -0.91 5.79
C ASP A 106 -8.82 -2.41 5.55
N LYS A 107 -7.65 -2.84 5.11
CA LYS A 107 -7.44 -4.26 4.75
C LYS A 107 -5.96 -4.59 4.66
N PHE A 108 -5.64 -5.87 4.60
CA PHE A 108 -4.33 -6.38 4.21
C PHE A 108 -4.43 -6.69 2.73
N GLN A 109 -3.33 -6.50 2.06
CA GLN A 109 -3.14 -6.86 0.66
C GLN A 109 -1.92 -7.75 0.64
N VAL A 110 -2.04 -8.95 0.10
CA VAL A 110 -0.96 -9.94 0.16
C VAL A 110 -0.54 -10.26 -1.27
N ALA A 111 0.77 -10.22 -1.50
CA ALA A 111 1.41 -10.65 -2.75
C ALA A 111 2.41 -11.77 -2.41
N VAL A 112 2.48 -12.76 -3.27
CA VAL A 112 3.46 -13.86 -3.13
C VAL A 112 4.30 -13.91 -4.40
N ASN A 113 5.62 -13.88 -4.25
CA ASN A 113 6.55 -14.04 -5.39
C ASN A 113 6.27 -12.88 -6.34
N GLY A 114 5.88 -11.72 -5.81
CA GLY A 114 5.68 -10.50 -6.61
C GLY A 114 4.37 -10.50 -7.38
N LYS A 115 3.45 -11.43 -7.16
CA LYS A 115 2.13 -11.48 -7.81
C LYS A 115 1.01 -11.29 -6.77
N HIS A 116 0.02 -10.43 -7.07
CA HIS A 116 -1.09 -10.18 -6.15
C HIS A 116 -1.76 -11.52 -5.88
N THR A 117 -2.07 -11.79 -4.63
CA THR A 117 -2.67 -13.08 -4.17
C THR A 117 -4.06 -12.82 -3.59
N LEU A 118 -4.22 -11.93 -2.61
CA LEU A 118 -5.55 -11.71 -2.00
C LEU A 118 -5.57 -10.43 -1.18
N LEU A 119 -6.79 -10.01 -0.87
CA LEU A 119 -7.14 -8.95 0.09
C LEU A 119 -7.85 -9.59 1.27
N TYR A 120 -7.78 -8.91 2.41
CA TYR A 120 -8.52 -9.29 3.63
C TYR A 120 -8.83 -8.04 4.45
N GLY A 121 -10.10 -7.72 4.54
CA GLY A 121 -10.60 -6.58 5.32
C GLY A 121 -10.29 -6.73 6.79
N HIS A 122 -9.92 -5.63 7.46
CA HIS A 122 -9.68 -5.67 8.91
C HIS A 122 -11.00 -5.97 9.61
N ARG A 123 -10.96 -6.91 10.54
CA ARG A 123 -12.07 -7.25 11.45
C ARG A 123 -11.67 -6.84 12.87
N ILE A 124 -10.37 -6.86 13.18
CA ILE A 124 -9.74 -6.32 14.41
C ILE A 124 -8.88 -5.13 13.97
N GLY A 125 -8.94 -4.02 14.70
CA GLY A 125 -8.13 -2.88 14.27
C GLY A 125 -6.67 -3.29 14.30
N PRO A 126 -5.90 -3.00 13.20
CA PRO A 126 -4.55 -3.50 13.08
C PRO A 126 -3.62 -2.90 14.14
N GLU A 127 -4.06 -1.82 14.79
CA GLU A 127 -3.29 -1.18 15.87
CA GLU A 127 -3.31 -1.16 15.89
C GLU A 127 -3.22 -2.13 17.07
N LYS A 128 -4.17 -3.07 17.22
CA LYS A 128 -4.19 -4.05 18.34
C LYS A 128 -3.24 -5.22 18.07
N ILE A 129 -2.66 -5.32 16.87
CA ILE A 129 -1.71 -6.43 16.52
C ILE A 129 -0.33 -6.14 17.11
N ASP A 130 0.22 -7.06 17.90
CA ASP A 130 1.58 -6.83 18.46
C ASP A 130 2.48 -8.06 18.31
N THR A 131 1.98 -9.15 17.70
CA THR A 131 2.69 -10.43 17.73
C THR A 131 2.50 -11.10 16.38
N LEU A 132 3.55 -11.77 15.92
CA LEU A 132 3.52 -12.58 14.68
C LEU A 132 3.90 -14.02 15.03
N GLY A 133 3.02 -14.95 14.69
CA GLY A 133 3.22 -16.39 14.85
C GLY A 133 3.26 -17.07 13.48
N ILE A 134 4.16 -18.02 13.34
CA ILE A 134 4.20 -18.93 12.18
C ILE A 134 4.17 -20.35 12.71
N TYR A 135 3.21 -21.13 12.23
CA TYR A 135 2.95 -22.50 12.74
C TYR A 135 2.83 -23.45 11.55
N GLY A 136 3.05 -24.74 11.80
CA GLY A 136 2.76 -25.75 10.78
C GLY A 136 3.98 -26.19 10.04
N LYS A 137 3.77 -26.82 8.89
CA LYS A 137 4.87 -27.43 8.13
C LYS A 137 5.38 -26.38 7.13
N VAL A 138 6.39 -25.63 7.56
CA VAL A 138 6.97 -24.58 6.70
C VAL A 138 8.36 -24.29 7.25
N ASN A 139 9.29 -24.00 6.36
CA ASN A 139 10.67 -23.56 6.70
C ASN A 139 10.71 -22.05 6.44
N ILE A 140 11.22 -21.26 7.37
CA ILE A 140 11.24 -19.80 7.22
C ILE A 140 12.70 -19.34 7.18
N HIS A 141 13.07 -18.61 6.12
CA HIS A 141 14.43 -17.99 6.04
CA HIS A 141 14.41 -17.99 5.96
C HIS A 141 14.46 -16.65 6.74
N SER A 142 13.41 -15.85 6.60
CA SER A 142 13.40 -14.49 7.20
C SER A 142 12.00 -13.94 7.40
N ILE A 143 11.86 -13.11 8.42
CA ILE A 143 10.67 -12.29 8.73
C ILE A 143 11.19 -10.89 8.96
N GLY A 144 10.64 -9.94 8.23
CA GLY A 144 11.00 -8.54 8.43
C GLY A 144 9.83 -7.63 8.27
N PHE A 145 10.07 -6.36 8.61
CA PHE A 145 9.06 -5.29 8.56
C PHE A 145 9.68 -4.04 7.96
N SER A 146 8.89 -3.37 7.16
CA SER A 146 9.19 -2.01 6.67
C SER A 146 8.12 -1.12 7.27
N PHE A 147 8.45 -0.45 8.39
CA PHE A 147 7.41 0.33 9.13
C PHE A 147 7.26 1.70 8.45
N SER A 148 5.99 2.10 8.30
CA SER A 148 5.63 3.37 7.61
C SER A 148 5.95 4.58 8.52
N SER A 149 6.16 4.34 9.83
CA SER A 149 6.70 5.29 10.85
C SER A 149 8.23 5.54 10.73
N ASP A 150 8.94 4.85 9.83
CA ASP A 150 10.37 5.08 9.50
C ASP A 150 10.50 5.50 8.04
N ASN B 1 -3.56 9.80 -26.75
CA ASN B 1 -4.56 8.67 -26.69
C ASN B 1 -5.28 8.65 -25.34
N LEU B 2 -5.32 9.77 -24.62
CA LEU B 2 -5.82 9.75 -23.23
C LEU B 2 -7.33 9.97 -23.20
N GLN B 3 -7.90 9.71 -22.03
CA GLN B 3 -9.35 9.73 -21.73
C GLN B 3 -9.66 10.89 -20.78
N ASN B 4 -10.83 11.51 -20.98
CA ASN B 4 -11.38 12.58 -20.12
C ASN B 4 -10.35 13.70 -19.96
N ILE B 5 -9.80 14.14 -21.09
CA ILE B 5 -8.76 15.19 -21.10
C ILE B 5 -9.45 16.54 -20.95
N ILE B 6 -9.02 17.29 -19.93
CA ILE B 6 -9.43 18.68 -19.58
CA ILE B 6 -9.45 18.71 -19.76
C ILE B 6 -8.23 19.63 -19.77
N TYR B 7 -8.45 20.84 -20.27
CA TYR B 7 -7.38 21.85 -20.47
C TYR B 7 -7.63 23.04 -19.54
N ASN B 8 -6.54 23.59 -19.02
CA ASN B 8 -6.56 24.88 -18.25
C ASN B 8 -7.66 24.89 -17.20
N PRO B 9 -7.74 23.86 -16.34
CA PRO B 9 -8.66 23.97 -15.21
C PRO B 9 -8.30 25.10 -14.26
N VAL B 10 -9.32 25.71 -13.71
CA VAL B 10 -9.20 26.70 -12.61
C VAL B 10 -8.60 26.00 -11.39
N ILE B 11 -7.64 26.66 -10.74
CA ILE B 11 -7.05 26.15 -9.47
C ILE B 11 -7.60 27.00 -8.35
N PRO B 12 -8.09 26.40 -7.25
CA PRO B 12 -8.06 24.95 -7.00
C PRO B 12 -9.01 24.11 -7.86
N PHE B 13 -8.55 22.92 -8.19
CA PHE B 13 -9.29 21.96 -9.03
C PHE B 13 -9.66 20.77 -8.17
N VAL B 14 -10.93 20.41 -8.21
CA VAL B 14 -11.42 19.20 -7.51
C VAL B 14 -12.35 18.53 -8.49
N GLY B 15 -11.91 17.39 -9.01
CA GLY B 15 -12.65 16.70 -10.06
C GLY B 15 -12.80 15.23 -9.76
N THR B 16 -13.91 14.69 -10.18
CA THR B 16 -14.20 13.26 -10.10
C THR B 16 -13.34 12.54 -11.12
N ILE B 17 -12.69 11.48 -10.66
CA ILE B 17 -11.88 10.63 -11.54
C ILE B 17 -12.86 9.69 -12.22
N PRO B 18 -12.85 9.67 -13.56
CA PRO B 18 -13.98 9.09 -14.28
C PRO B 18 -14.02 7.56 -14.31
N ASP B 19 -13.00 6.89 -13.79
CA ASP B 19 -13.00 5.43 -13.67
C ASP B 19 -12.10 5.04 -12.51
N GLN B 20 -12.10 3.76 -12.17
CA GLN B 20 -11.31 3.24 -11.05
C GLN B 20 -9.82 3.30 -11.40
N LEU B 21 -9.00 3.59 -10.39
CA LEU B 21 -7.52 3.52 -10.54
C LEU B 21 -7.06 2.08 -10.38
N ASP B 22 -7.30 1.30 -11.41
CA ASP B 22 -6.84 -0.11 -11.50
C ASP B 22 -5.35 -0.13 -11.83
N PRO B 23 -4.66 -1.23 -11.48
CA PRO B 23 -3.25 -1.37 -11.87
C PRO B 23 -3.08 -1.11 -13.38
N GLY B 24 -2.08 -0.29 -13.70
CA GLY B 24 -1.76 0.14 -15.06
C GLY B 24 -2.38 1.47 -15.42
N THR B 25 -3.28 2.02 -14.61
CA THR B 25 -3.95 3.30 -14.89
C THR B 25 -2.87 4.41 -14.83
N LEU B 26 -2.95 5.34 -15.77
CA LEU B 26 -2.09 6.55 -15.74
C LEU B 26 -2.99 7.76 -15.46
N ILE B 27 -2.43 8.67 -14.68
CA ILE B 27 -2.92 10.05 -14.54
C ILE B 27 -1.81 10.94 -15.09
N VAL B 28 -2.16 11.78 -16.06
CA VAL B 28 -1.14 12.58 -16.80
C VAL B 28 -1.53 14.05 -16.61
N ILE B 29 -0.62 14.79 -15.97
CA ILE B 29 -0.85 16.21 -15.63
C ILE B 29 0.29 17.04 -16.23
N ARG B 30 -0.06 17.94 -17.15
CA ARG B 30 0.91 18.88 -17.77
C ARG B 30 0.66 20.26 -17.19
N GLY B 31 1.74 21.00 -16.90
CA GLY B 31 1.56 22.34 -16.34
C GLY B 31 2.91 23.03 -16.19
N HIS B 32 2.94 24.07 -15.35
CA HIS B 32 4.21 24.75 -14.99
C HIS B 32 4.07 25.39 -13.62
N VAL B 33 5.23 25.69 -13.03
CA VAL B 33 5.37 26.28 -11.68
C VAL B 33 5.53 27.77 -11.89
N PRO B 34 4.60 28.60 -11.39
CA PRO B 34 4.67 30.05 -11.58
C PRO B 34 5.88 30.63 -10.85
N SER B 35 6.28 31.87 -11.13
CA SER B 35 7.48 32.45 -10.44
C SER B 35 7.19 32.69 -8.96
N ASP B 36 5.93 32.96 -8.58
CA ASP B 36 5.48 33.17 -7.17
C ASP B 36 5.45 31.87 -6.36
N ALA B 37 5.58 30.71 -6.99
CA ALA B 37 5.23 29.42 -6.34
C ALA B 37 6.23 29.10 -5.22
N ASP B 38 5.70 28.73 -4.04
CA ASP B 38 6.47 28.06 -2.94
C ASP B 38 6.15 26.57 -2.89
N ARG B 39 4.92 26.20 -3.23
CA ARG B 39 4.54 24.77 -3.26
C ARG B 39 3.25 24.62 -4.06
N PHE B 40 3.01 23.38 -4.51
CA PHE B 40 1.65 22.97 -4.93
C PHE B 40 1.48 21.49 -4.57
N GLN B 41 0.27 20.98 -4.69
CA GLN B 41 0.07 19.53 -4.45
C GLN B 41 -0.92 18.97 -5.46
N VAL B 42 -0.67 17.70 -5.78
CA VAL B 42 -1.65 16.79 -6.44
C VAL B 42 -2.11 15.79 -5.35
N ASP B 43 -3.40 15.82 -5.01
CA ASP B 43 -4.00 14.93 -3.98
C ASP B 43 -4.93 13.92 -4.67
N LEU B 44 -4.68 12.64 -4.42
CA LEU B 44 -5.60 11.58 -4.86
C LEU B 44 -6.45 11.26 -3.62
N GLN B 45 -7.73 11.63 -3.67
CA GLN B 45 -8.60 11.71 -2.49
C GLN B 45 -9.70 10.65 -2.58
N ASN B 46 -10.11 10.23 -1.41
CA ASN B 46 -11.37 9.47 -1.23
C ASN B 46 -12.46 10.47 -0.93
N GLY B 47 -13.12 11.00 -1.97
CA GLY B 47 -14.18 12.00 -1.84
C GLY B 47 -13.63 13.43 -1.81
N SER B 48 -14.51 14.39 -1.55
CA SER B 48 -14.26 15.83 -1.71
C SER B 48 -14.71 16.61 -0.48
N SER B 49 -15.02 15.92 0.61
CA SER B 49 -15.36 16.58 1.88
C SER B 49 -14.22 17.53 2.26
N MET B 50 -14.59 18.75 2.63
CA MET B 50 -13.64 19.78 3.11
CA MET B 50 -13.62 19.77 3.11
C MET B 50 -13.56 19.71 4.63
N LYS B 51 -14.67 19.48 5.27
CA LYS B 51 -14.74 19.32 6.73
C LYS B 51 -15.78 18.25 7.01
N PRO B 52 -15.39 17.06 7.47
CA PRO B 52 -14.00 16.69 7.71
C PRO B 52 -13.24 16.56 6.38
N ARG B 53 -11.93 16.78 6.45
CA ARG B 53 -11.05 16.71 5.27
C ARG B 53 -11.04 15.28 4.76
N ALA B 54 -11.46 15.09 3.51
CA ALA B 54 -11.45 13.78 2.82
C ALA B 54 -10.08 13.14 2.98
N ASP B 55 -10.03 11.84 3.17
CA ASP B 55 -8.72 11.13 3.19
C ASP B 55 -7.98 11.41 1.88
N VAL B 56 -6.66 11.54 1.97
CA VAL B 56 -5.75 11.68 0.81
C VAL B 56 -4.88 10.45 0.75
N ALA B 57 -5.18 9.55 -0.18
CA ALA B 57 -4.38 8.32 -0.39
C ALA B 57 -2.96 8.73 -0.78
N PHE B 58 -2.85 9.70 -1.67
CA PHE B 58 -1.54 10.12 -2.22
C PHE B 58 -1.52 11.65 -2.36
N HIS B 59 -0.71 12.27 -1.50
CA HIS B 59 -0.36 13.71 -1.49
C HIS B 59 1.03 13.80 -2.11
N PHE B 60 1.10 14.36 -3.31
CA PHE B 60 2.34 14.59 -4.05
C PHE B 60 2.58 16.11 -4.06
N ASN B 61 3.59 16.57 -3.33
CA ASN B 61 3.69 17.98 -2.90
C ASN B 61 5.08 18.51 -3.23
N PRO B 62 5.33 19.01 -4.47
CA PRO B 62 6.59 19.69 -4.77
C PRO B 62 6.71 20.96 -3.91
N ARG B 63 7.91 21.15 -3.35
CA ARG B 63 8.28 22.38 -2.59
C ARG B 63 9.54 22.98 -3.21
N PHE B 64 9.56 24.30 -3.33
CA PHE B 64 10.51 25.03 -4.20
C PHE B 64 11.61 25.75 -3.42
N LYS B 65 11.55 25.80 -2.09
CA LYS B 65 12.60 26.40 -1.24
C LYS B 65 13.95 25.66 -1.41
N ARG B 66 15.07 26.39 -1.30
CA ARG B 66 16.45 25.82 -1.26
C ARG B 66 16.68 25.08 -2.60
N ALA B 67 17.18 23.83 -2.62
CA ALA B 67 17.45 23.09 -3.88
C ALA B 67 16.17 22.39 -4.35
N GLY B 68 15.09 22.61 -3.58
CA GLY B 68 13.75 22.09 -3.89
C GLY B 68 13.62 20.64 -3.43
N CYS B 69 12.40 20.15 -3.34
CA CYS B 69 12.15 18.72 -3.03
C CYS B 69 10.72 18.35 -3.44
N ILE B 70 10.37 17.09 -3.24
CA ILE B 70 8.95 16.63 -3.29
C ILE B 70 8.66 15.88 -1.98
N VAL B 71 7.60 16.29 -1.29
CA VAL B 71 7.02 15.59 -0.11
C VAL B 71 5.85 14.74 -0.58
N CYS B 72 5.85 13.47 -0.22
CA CYS B 72 4.68 12.57 -0.40
C CYS B 72 4.19 12.06 0.95
N ASN B 73 2.88 11.94 1.08
CA ASN B 73 2.26 11.56 2.35
C ASN B 73 0.85 11.06 2.07
N THR B 74 0.20 10.61 3.11
CA THR B 74 -1.19 10.17 3.15
C THR B 74 -1.89 10.85 4.33
N LEU B 75 -3.12 11.33 4.09
CA LEU B 75 -3.99 11.90 5.15
C LEU B 75 -5.10 10.90 5.48
N ILE B 76 -5.12 10.39 6.71
CA ILE B 76 -6.18 9.45 7.19
C ILE B 76 -6.82 10.05 8.42
N ASN B 77 -8.14 10.25 8.37
CA ASN B 77 -8.92 10.85 9.48
C ASN B 77 -8.22 12.12 9.92
N GLU B 78 -7.84 12.95 8.96
CA GLU B 78 -7.37 14.33 9.18
C GLU B 78 -5.98 14.33 9.86
N LYS B 79 -5.25 13.21 9.85
CA LYS B 79 -3.84 13.20 10.35
C LYS B 79 -2.88 12.80 9.22
N TRP B 80 -1.83 13.59 8.99
CA TRP B 80 -0.74 13.21 8.05
C TRP B 80 0.13 12.08 8.65
N GLY B 81 0.54 11.11 7.84
CA GLY B 81 1.50 10.08 8.24
C GLY B 81 2.94 10.56 8.11
N ARG B 82 3.86 9.61 7.97
CA ARG B 82 5.30 9.87 7.78
C ARG B 82 5.49 10.39 6.36
N GLU B 83 6.07 11.60 6.28
CA GLU B 83 6.49 12.23 5.00
C GLU B 83 7.58 11.37 4.35
N GLU B 84 7.46 11.12 3.04
CA GLU B 84 8.53 10.47 2.23
C GLU B 84 9.11 11.58 1.33
N ILE B 85 10.37 11.97 1.56
CA ILE B 85 10.93 13.14 0.85
C ILE B 85 11.93 12.72 -0.25
N THR B 86 11.78 13.30 -1.43
CA THR B 86 12.65 13.12 -2.62
C THR B 86 13.36 14.45 -2.88
N TYR B 87 14.71 14.53 -2.95
CA TYR B 87 15.46 15.78 -3.30
C TYR B 87 15.83 15.79 -4.77
N ASP B 88 15.78 14.60 -5.39
CA ASP B 88 16.04 14.45 -6.85
C ASP B 88 14.80 14.92 -7.60
N THR B 89 14.47 16.20 -7.39
CA THR B 89 13.27 16.89 -7.93
C THR B 89 13.59 17.51 -9.28
N PRO B 90 12.74 17.22 -10.29
CA PRO B 90 12.84 17.85 -11.60
C PRO B 90 12.10 19.18 -11.71
N PHE B 91 11.38 19.60 -10.67
CA PHE B 91 10.52 20.80 -10.74
C PHE B 91 11.36 22.03 -10.42
N LYS B 92 11.00 23.13 -11.05
CA LYS B 92 11.61 24.45 -10.83
C LYS B 92 10.59 25.54 -11.14
N ARG B 93 10.69 26.66 -10.42
CA ARG B 93 9.90 27.85 -10.78
C ARG B 93 10.16 28.15 -12.26
N GLU B 94 9.09 28.45 -12.98
CA GLU B 94 9.05 28.89 -14.39
C GLU B 94 9.41 27.69 -15.29
N LYS B 95 9.47 26.46 -14.77
CA LYS B 95 9.75 25.27 -15.62
C LYS B 95 8.46 24.46 -15.84
N SER B 96 8.22 23.99 -17.06
CA SER B 96 7.03 23.15 -17.38
C SER B 96 7.30 21.71 -16.99
N PHE B 97 6.22 20.97 -16.77
CA PHE B 97 6.34 19.56 -16.37
C PHE B 97 5.22 18.76 -17.00
N GLU B 98 5.52 17.50 -17.17
CA GLU B 98 4.53 16.43 -17.41
C GLU B 98 4.70 15.41 -16.29
N ILE B 99 3.69 15.33 -15.43
CA ILE B 99 3.63 14.30 -14.38
C ILE B 99 2.86 13.11 -14.94
N VAL B 100 3.44 11.93 -14.82
CA VAL B 100 2.71 10.66 -15.07
C VAL B 100 2.72 9.85 -13.79
N ILE B 101 1.54 9.69 -13.22
CA ILE B 101 1.35 8.78 -12.06
C ILE B 101 0.82 7.47 -12.63
N MET B 102 1.61 6.41 -12.47
CA MET B 102 1.20 5.05 -12.83
CA MET B 102 1.23 5.04 -12.83
C MET B 102 0.78 4.35 -11.54
N VAL B 103 -0.47 3.87 -11.52
CA VAL B 103 -0.99 3.12 -10.39
C VAL B 103 -0.60 1.65 -10.58
N LEU B 104 0.16 1.11 -9.64
CA LEU B 104 0.44 -0.35 -9.58
C LEU B 104 -0.35 -0.95 -8.42
N LYS B 105 -0.33 -2.28 -8.31
CA LYS B 105 -1.09 -3.00 -7.26
C LYS B 105 -0.59 -2.54 -5.89
N ASP B 106 0.71 -2.29 -5.73
CA ASP B 106 1.30 -2.08 -4.37
C ASP B 106 1.84 -0.65 -4.16
N LYS B 107 1.89 0.18 -5.18
CA LYS B 107 2.52 1.53 -5.08
C LYS B 107 2.11 2.40 -6.27
N PHE B 108 2.39 3.69 -6.17
CA PHE B 108 2.42 4.60 -7.34
C PHE B 108 3.87 4.69 -7.80
N GLN B 109 4.03 4.76 -9.10
CA GLN B 109 5.30 5.07 -9.77
C GLN B 109 5.08 6.38 -10.52
N VAL B 110 5.91 7.34 -10.19
CA VAL B 110 5.73 8.71 -10.73
C VAL B 110 6.95 9.04 -11.59
N ALA B 111 6.69 9.45 -12.79
CA ALA B 111 7.68 10.04 -13.70
C ALA B 111 7.31 11.49 -13.97
N VAL B 112 8.34 12.31 -14.09
CA VAL B 112 8.19 13.72 -14.57
C VAL B 112 9.05 13.89 -15.80
N ASN B 113 8.46 14.41 -16.88
CA ASN B 113 9.18 14.75 -18.11
C ASN B 113 9.85 13.47 -18.61
N GLY B 114 9.16 12.33 -18.44
CA GLY B 114 9.60 11.06 -19.04
C GLY B 114 10.74 10.40 -18.29
N LYS B 115 11.06 10.86 -17.08
CA LYS B 115 12.17 10.32 -16.27
C LYS B 115 11.62 9.86 -14.92
N HIS B 116 12.04 8.67 -14.48
CA HIS B 116 11.56 8.12 -13.19
C HIS B 116 11.87 9.15 -12.11
N THR B 117 10.90 9.44 -11.24
CA THR B 117 11.05 10.45 -10.16
C THR B 117 10.94 9.77 -8.79
N LEU B 118 9.87 9.00 -8.52
CA LEU B 118 9.73 8.35 -7.19
C LEU B 118 8.67 7.23 -7.21
N LEU B 119 8.75 6.40 -6.18
CA LEU B 119 7.77 5.38 -5.79
C LEU B 119 7.14 5.80 -4.47
N TYR B 120 5.86 5.44 -4.31
CA TYR B 120 5.14 5.63 -3.05
C TYR B 120 4.21 4.44 -2.85
N GLY B 121 4.54 3.64 -1.84
CA GLY B 121 3.75 2.47 -1.45
C GLY B 121 2.35 2.88 -0.98
N HIS B 122 1.34 2.09 -1.34
CA HIS B 122 -0.03 2.42 -0.93
C HIS B 122 -0.15 2.35 0.59
N ARG B 123 -0.98 3.25 1.13
CA ARG B 123 -1.36 3.25 2.54
C ARG B 123 -2.87 3.08 2.65
N ILE B 124 -3.60 3.59 1.65
CA ILE B 124 -5.06 3.39 1.43
C ILE B 124 -5.20 2.64 0.09
N GLY B 125 -6.11 1.69 0.02
CA GLY B 125 -6.32 0.93 -1.22
C GLY B 125 -6.66 1.92 -2.34
N PRO B 126 -6.03 1.80 -3.52
CA PRO B 126 -6.24 2.75 -4.59
C PRO B 126 -7.68 2.73 -5.12
N GLU B 127 -8.43 1.65 -4.80
CA GLU B 127 -9.83 1.54 -5.29
C GLU B 127 -10.69 2.57 -4.53
N LYS B 128 -10.21 3.11 -3.41
CA LYS B 128 -10.95 4.10 -2.57
C LYS B 128 -10.83 5.51 -3.20
N ILE B 129 -9.96 5.69 -4.19
CA ILE B 129 -9.68 7.02 -4.77
C ILE B 129 -10.72 7.34 -5.83
N ASP B 130 -11.43 8.46 -5.66
CA ASP B 130 -12.46 8.89 -6.64
C ASP B 130 -12.31 10.35 -7.05
N THR B 131 -11.33 11.07 -6.49
CA THR B 131 -11.27 12.53 -6.65
C THR B 131 -9.79 12.95 -6.82
N LEU B 132 -9.56 13.89 -7.74
CA LEU B 132 -8.26 14.48 -8.06
C LEU B 132 -8.35 15.95 -7.63
N GLY B 133 -7.58 16.29 -6.61
CA GLY B 133 -7.42 17.67 -6.10
C GLY B 133 -6.08 18.25 -6.55
N ILE B 134 -6.09 19.43 -7.13
CA ILE B 134 -4.81 20.13 -7.43
C ILE B 134 -4.93 21.52 -6.80
N TYR B 135 -4.02 21.82 -5.88
CA TYR B 135 -4.11 23.04 -5.03
C TYR B 135 -2.76 23.75 -5.04
N GLY B 136 -2.79 25.04 -4.71
CA GLY B 136 -1.52 25.77 -4.48
C GLY B 136 -1.12 26.57 -5.70
N LYS B 137 0.14 26.98 -5.74
CA LYS B 137 0.60 27.88 -6.79
C LYS B 137 1.13 27.05 -7.94
N VAL B 138 0.24 26.81 -8.90
CA VAL B 138 0.56 25.97 -10.09
C VAL B 138 -0.39 26.40 -11.20
N ASN B 139 0.03 26.25 -12.42
CA ASN B 139 -0.87 26.36 -13.59
C ASN B 139 -0.90 24.98 -14.22
N ILE B 140 -2.10 24.48 -14.49
CA ILE B 140 -2.26 23.15 -15.15
C ILE B 140 -2.77 23.39 -16.56
N HIS B 141 -1.96 22.94 -17.53
CA HIS B 141 -2.29 22.94 -18.99
CA HIS B 141 -2.25 22.96 -18.98
C HIS B 141 -3.33 21.88 -19.29
N SER B 142 -3.17 20.69 -18.74
CA SER B 142 -4.02 19.54 -19.10
C SER B 142 -3.98 18.43 -18.04
N ILE B 143 -5.10 17.72 -17.98
CA ILE B 143 -5.26 16.47 -17.18
C ILE B 143 -5.87 15.45 -18.11
N GLY B 144 -5.31 14.29 -18.13
CA GLY B 144 -5.97 13.16 -18.79
C GLY B 144 -5.60 11.85 -18.13
N PHE B 145 -6.31 10.81 -18.54
CA PHE B 145 -6.19 9.47 -17.91
C PHE B 145 -5.94 8.40 -18.95
N SER B 146 -5.33 7.30 -18.52
CA SER B 146 -5.31 6.05 -19.30
C SER B 146 -5.82 4.94 -18.40
N PHE B 147 -7.02 4.46 -18.63
CA PHE B 147 -7.67 3.47 -17.71
C PHE B 147 -7.31 2.04 -18.10
N SER B 148 -7.40 1.12 -17.12
N SER B 148 -7.49 1.05 -17.20
CA SER B 148 -7.01 -0.30 -17.24
CA SER B 148 -7.29 -0.39 -17.54
C SER B 148 -8.04 -1.18 -16.52
C SER B 148 -8.57 -1.18 -17.19
#